data_3MRC
#
_entry.id   3MRC
#
_cell.length_a   51.289
_cell.length_b   79.614
_cell.length_c   55.080
_cell.angle_alpha   90.000
_cell.angle_beta   111.830
_cell.angle_gamma   90.000
#
_symmetry.space_group_name_H-M   'P 1 21 1'
#
loop_
_entity.id
_entity.type
_entity.pdbx_description
1 polymer 'HLA class I histocompatibility antigen, A-2 alpha chain'
2 polymer Beta-2-microglobulin
3 polymer '9-meric peptide from Tegument protein pp65'
4 water water
#
loop_
_entity_poly.entity_id
_entity_poly.type
_entity_poly.pdbx_seq_one_letter_code
_entity_poly.pdbx_strand_id
1 'polypeptide(L)'
;GSHSMRYFFTSVSRPGRGEPRFIAVGYVDDTQFVRFDSDAASQRMEPRAPWIEQEGPEYWDGETRKVKAHSQTHRVDLGT
LRGYYNQSEAGSHTVQRMYGCDVGSDWRFLRGYHQYAYDGKDYIALKEDLRSWTAADMAAQTTKHKWEAAHVAEQLRAYL
EGTCVEWLRRYLENGKETLQRTDAPKTHMTHHAVSDHEATLRCWALSFYPAEITLTWQRDGEDQTQDTELVETRPAGDGT
FQKWVAVVVPSGQEQRYTCHVQHEGLPKPLTLRWEP
;
A
2 'polypeptide(L)'
;MIQRTPKIQVYSRHPAENGKSNFLNCYVSGFHPSDIEVDLLKNGERIEKVEHSDLSFSKDWSFYLLYYTEFTPTEKDEYA
CRVNHVTLSQPKIVKWDRDM
;
B
3 'polypeptide(L)' NLVPMCATV P
#
# COMPACT_ATOMS: atom_id res chain seq x y z
N GLY A 1 -18.61 -10.00 5.70
CA GLY A 1 -17.91 -8.81 5.13
C GLY A 1 -17.50 -9.10 3.69
N SER A 2 -17.17 -8.04 2.96
CA SER A 2 -16.72 -8.19 1.60
C SER A 2 -15.23 -8.53 1.58
N HIS A 3 -14.79 -9.08 0.45
CA HIS A 3 -13.36 -9.32 0.19
C HIS A 3 -13.01 -8.76 -1.17
N SER A 4 -11.74 -8.44 -1.39
CA SER A 4 -11.29 -7.82 -2.63
CA SER A 4 -11.33 -7.88 -2.67
C SER A 4 -10.10 -8.58 -3.22
N MET A 5 -10.00 -8.59 -4.55
CA MET A 5 -8.76 -8.98 -5.22
C MET A 5 -8.35 -7.77 -6.05
N ARG A 6 -7.12 -7.31 -5.89
CA ARG A 6 -6.69 -6.13 -6.64
C ARG A 6 -5.30 -6.34 -7.17
N TYR A 7 -5.06 -5.86 -8.38
CA TYR A 7 -3.73 -5.84 -8.95
C TYR A 7 -3.30 -4.42 -9.24
N PHE A 8 -2.05 -4.11 -8.90
CA PHE A 8 -1.46 -2.78 -9.04
C PHE A 8 -0.26 -2.89 -9.97
N PHE A 9 -0.14 -1.95 -10.91
CA PHE A 9 0.90 -2.02 -11.94
C PHE A 9 1.52 -0.64 -12.06
N THR A 10 2.84 -0.60 -12.04
CA THR A 10 3.56 0.66 -12.25
C THR A 10 4.60 0.47 -13.35
N SER A 11 4.58 1.32 -14.37
CA SER A 11 5.63 1.33 -15.39
C SER A 11 6.31 2.68 -15.45
N VAL A 12 7.64 2.68 -15.39
CA VAL A 12 8.39 3.93 -15.37
C VAL A 12 9.36 3.97 -16.54
N SER A 13 9.18 4.92 -17.46
CA SER A 13 10.04 4.99 -18.66
C SER A 13 11.50 5.32 -18.28
N ARG A 14 12.44 4.83 -19.08
CA ARG A 14 13.87 5.03 -18.85
C ARG A 14 14.42 5.62 -20.14
N PRO A 15 14.30 6.94 -20.27
CA PRO A 15 14.62 7.62 -21.51
C PRO A 15 16.11 7.49 -21.94
N GLY A 16 17.01 7.33 -20.98
CA GLY A 16 18.43 7.18 -21.30
C GLY A 16 18.72 5.88 -22.06
N ARG A 17 18.12 4.77 -21.63
CA ARG A 17 18.34 3.49 -22.30
C ARG A 17 17.36 2.42 -21.85
N GLY A 18 16.80 1.67 -22.81
CA GLY A 18 16.09 0.42 -22.51
C GLY A 18 14.61 0.54 -22.23
N GLU A 19 14.01 -0.59 -21.84
CA GLU A 19 12.58 -0.66 -21.58
CA GLU A 19 12.59 -0.74 -21.57
C GLU A 19 12.22 -0.10 -20.23
N PRO A 20 10.94 0.23 -20.04
CA PRO A 20 10.51 0.77 -18.74
C PRO A 20 10.71 -0.21 -17.60
N ARG A 21 10.85 0.32 -16.39
CA ARG A 21 10.84 -0.47 -15.18
C ARG A 21 9.35 -0.80 -14.91
N PHE A 22 9.03 -2.09 -14.74
CA PHE A 22 7.64 -2.56 -14.56
C PHE A 22 7.56 -3.41 -13.30
N ILE A 23 6.65 -3.03 -12.41
CA ILE A 23 6.40 -3.77 -11.16
C ILE A 23 4.90 -4.00 -10.99
N ALA A 24 4.54 -5.26 -10.79
CA ALA A 24 3.15 -5.66 -10.64
C ALA A 24 3.02 -6.37 -9.31
N VAL A 25 1.98 -6.06 -8.56
CA VAL A 25 1.74 -6.76 -7.30
CA VAL A 25 1.74 -6.72 -7.28
C VAL A 25 0.26 -7.09 -7.20
N GLY A 26 -0.05 -8.26 -6.66
CA GLY A 26 -1.46 -8.67 -6.48
C GLY A 26 -1.76 -8.77 -4.99
N TYR A 27 -2.96 -8.34 -4.59
CA TYR A 27 -3.43 -8.43 -3.20
C TYR A 27 -4.77 -9.14 -3.10
N VAL A 28 -4.96 -9.93 -2.04
CA VAL A 28 -6.33 -10.28 -1.62
C VAL A 28 -6.53 -9.50 -0.30
N ASP A 29 -7.56 -8.64 -0.26
CA ASP A 29 -7.74 -7.69 0.82
C ASP A 29 -6.42 -6.94 1.09
N ASP A 30 -5.91 -7.00 2.32
CA ASP A 30 -4.65 -6.31 2.62
C ASP A 30 -3.42 -7.22 2.56
N THR A 31 -3.55 -8.38 1.94
CA THR A 31 -2.41 -9.35 1.87
C THR A 31 -1.81 -9.44 0.47
N GLN A 32 -0.53 -9.11 0.31
CA GLN A 32 0.10 -9.32 -0.99
CA GLN A 32 0.15 -9.32 -0.99
C GLN A 32 0.29 -10.82 -1.25
N PHE A 33 0.00 -11.27 -2.48
CA PHE A 33 0.16 -12.71 -2.77
C PHE A 33 1.01 -13.01 -3.98
N VAL A 34 1.21 -12.04 -4.87
CA VAL A 34 2.11 -12.30 -5.99
C VAL A 34 2.84 -11.02 -6.35
N ARG A 35 3.96 -11.18 -7.06
CA ARG A 35 4.63 -10.02 -7.63
C ARG A 35 5.40 -10.35 -8.91
N PHE A 36 5.62 -9.32 -9.70
CA PHE A 36 6.52 -9.40 -10.83
C PHE A 36 7.35 -8.13 -10.84
N ASP A 37 8.65 -8.26 -11.00
CA ASP A 37 9.49 -7.06 -11.16
C ASP A 37 10.35 -7.28 -12.39
N SER A 38 10.25 -6.38 -13.37
CA SER A 38 11.00 -6.50 -14.62
C SER A 38 12.52 -6.55 -14.36
N ASP A 39 12.95 -6.02 -13.23
CA ASP A 39 14.38 -5.95 -12.91
C ASP A 39 14.89 -7.23 -12.23
N ALA A 40 13.99 -8.13 -11.86
CA ALA A 40 14.36 -9.41 -11.27
C ALA A 40 14.81 -10.41 -12.33
N ALA A 41 15.76 -11.26 -11.97
CA ALA A 41 16.33 -12.20 -12.94
C ALA A 41 15.37 -13.35 -13.31
N SER A 42 14.50 -13.75 -12.40
CA SER A 42 13.61 -14.90 -12.68
C SER A 42 12.71 -14.67 -13.89
N GLN A 43 12.31 -13.41 -14.13
CA GLN A 43 11.35 -13.10 -15.20
C GLN A 43 10.08 -13.93 -15.07
N ARG A 44 9.66 -14.20 -13.83
CA ARG A 44 8.46 -14.97 -13.57
C ARG A 44 7.58 -14.23 -12.57
N MET A 45 6.27 -14.42 -12.64
CA MET A 45 5.43 -14.08 -11.49
C MET A 45 5.89 -14.98 -10.33
N GLU A 46 6.04 -14.38 -9.15
CA GLU A 46 6.52 -15.05 -7.93
C GLU A 46 5.50 -15.00 -6.79
N PRO A 47 5.38 -16.09 -6.01
CA PRO A 47 4.46 -16.13 -4.86
C PRO A 47 4.96 -15.29 -3.69
N ARG A 48 4.02 -14.67 -2.96
CA ARG A 48 4.35 -13.86 -1.80
C ARG A 48 3.49 -14.26 -0.60
N ALA A 49 2.62 -15.27 -0.79
CA ALA A 49 1.83 -15.81 0.31
C ALA A 49 1.82 -17.35 0.22
N PRO A 50 1.85 -18.04 1.39
CA PRO A 50 1.97 -19.51 1.31
C PRO A 50 0.81 -20.18 0.54
N TRP A 51 -0.40 -19.62 0.65
CA TRP A 51 -1.56 -20.31 0.10
C TRP A 51 -1.59 -20.25 -1.44
N ILE A 52 -0.88 -19.33 -2.05
CA ILE A 52 -0.86 -19.29 -3.51
C ILE A 52 0.13 -20.33 -4.07
N GLU A 53 1.03 -20.81 -3.23
CA GLU A 53 1.89 -21.95 -3.59
C GLU A 53 1.14 -23.27 -3.75
N GLN A 54 -0.12 -23.31 -3.35
CA GLN A 54 -0.97 -24.47 -3.62
C GLN A 54 -1.24 -24.62 -5.13
N GLU A 55 -1.07 -23.53 -5.88
CA GLU A 55 -1.30 -23.58 -7.33
C GLU A 55 -0.08 -24.20 -8.04
N GLY A 56 -0.34 -25.02 -9.06
CA GLY A 56 0.71 -25.75 -9.78
C GLY A 56 1.46 -24.97 -10.85
N PRO A 57 2.39 -25.65 -11.55
CA PRO A 57 3.21 -25.01 -12.58
C PRO A 57 2.40 -24.30 -13.66
N GLU A 58 1.22 -24.81 -13.97
CA GLU A 58 0.35 -24.22 -15.00
C GLU A 58 -0.11 -22.79 -14.62
N TYR A 59 -0.25 -22.57 -13.31
CA TYR A 59 -0.64 -21.25 -12.82
C TYR A 59 0.48 -20.25 -13.07
N TRP A 60 1.67 -20.57 -12.60
CA TRP A 60 2.80 -19.66 -12.72
C TRP A 60 3.15 -19.33 -14.17
N ASP A 61 3.05 -20.33 -15.03
CA ASP A 61 3.23 -20.14 -16.46
CA ASP A 61 3.23 -20.14 -16.46
C ASP A 61 2.19 -19.19 -17.06
N GLY A 62 0.92 -19.44 -16.76
CA GLY A 62 -0.17 -18.61 -17.34
C GLY A 62 -0.11 -17.18 -16.81
N GLU A 63 0.14 -17.03 -15.50
CA GLU A 63 0.24 -15.68 -14.92
C GLU A 63 1.44 -14.92 -15.44
N THR A 64 2.56 -15.62 -15.68
CA THR A 64 3.76 -14.98 -16.22
C THR A 64 3.54 -14.48 -17.65
N ARG A 65 2.91 -15.30 -18.49
CA ARG A 65 2.65 -14.88 -19.86
CA ARG A 65 2.59 -14.90 -19.86
C ARG A 65 1.79 -13.60 -19.85
N LYS A 66 0.75 -13.58 -19.01
CA LYS A 66 -0.13 -12.42 -18.98
C LYS A 66 0.55 -11.18 -18.44
N VAL A 67 1.37 -11.35 -17.40
CA VAL A 67 1.97 -10.18 -16.77
C VAL A 67 3.06 -9.59 -17.67
N LYS A 68 3.77 -10.45 -18.40
CA LYS A 68 4.74 -9.94 -19.37
C LYS A 68 4.05 -9.18 -20.50
N ALA A 69 2.91 -9.71 -20.96
CA ALA A 69 2.13 -9.05 -22.02
C ALA A 69 1.59 -7.68 -21.57
N HIS A 70 1.18 -7.62 -20.31
CA HIS A 70 0.78 -6.38 -19.66
C HIS A 70 1.97 -5.39 -19.63
N SER A 71 3.19 -5.86 -19.35
CA SER A 71 4.33 -4.94 -19.36
C SER A 71 4.54 -4.30 -20.74
N GLN A 72 4.34 -5.08 -21.79
CA GLN A 72 4.50 -4.56 -23.15
C GLN A 72 3.37 -3.57 -23.47
N THR A 73 2.17 -3.87 -23.02
CA THR A 73 1.06 -2.90 -23.14
C THR A 73 1.42 -1.54 -22.54
N HIS A 74 1.94 -1.55 -21.31
CA HIS A 74 2.37 -0.30 -20.68
C HIS A 74 3.50 0.42 -21.44
N ARG A 75 4.43 -0.36 -21.98
CA ARG A 75 5.54 0.18 -22.76
C ARG A 75 4.97 0.93 -23.96
N VAL A 76 4.00 0.32 -24.64
CA VAL A 76 3.34 0.98 -25.77
C VAL A 76 2.67 2.26 -25.28
N ASP A 77 1.98 2.14 -24.15
CA ASP A 77 1.24 3.29 -23.58
C ASP A 77 2.16 4.48 -23.29
N LEU A 78 3.32 4.22 -22.71
CA LEU A 78 4.24 5.30 -22.39
C LEU A 78 4.65 6.07 -23.64
N GLY A 79 4.89 5.36 -24.74
CA GLY A 79 5.19 6.02 -26.01
C GLY A 79 4.01 6.82 -26.54
N THR A 80 2.82 6.23 -26.49
CA THR A 80 1.61 6.93 -26.95
C THR A 80 1.34 8.19 -26.16
N LEU A 81 1.41 8.08 -24.84
CA LEU A 81 1.13 9.21 -23.96
C LEU A 81 2.14 10.35 -24.11
N ARG A 82 3.42 10.02 -24.30
CA ARG A 82 4.42 11.06 -24.60
C ARG A 82 3.96 11.93 -25.78
N GLY A 83 3.41 11.27 -26.79
CA GLY A 83 2.84 11.93 -27.97
C GLY A 83 1.58 12.71 -27.66
N TYR A 84 0.62 12.11 -26.95
CA TYR A 84 -0.60 12.84 -26.57
C TYR A 84 -0.31 14.12 -25.79
N TYR A 85 0.70 14.09 -24.91
CA TYR A 85 1.00 15.22 -24.02
C TYR A 85 2.18 16.06 -24.55
N ASN A 86 2.56 15.79 -25.80
CA ASN A 86 3.62 16.53 -26.48
C ASN A 86 4.88 16.70 -25.64
N GLN A 87 5.34 15.59 -25.09
CA GLN A 87 6.48 15.61 -24.18
C GLN A 87 7.69 15.12 -24.94
N SER A 88 8.86 15.50 -24.47
CA SER A 88 10.07 15.14 -25.21
C SER A 88 10.48 13.72 -24.83
N GLU A 89 11.37 13.13 -25.63
CA GLU A 89 11.83 11.77 -25.40
C GLU A 89 12.81 11.67 -24.25
N ALA A 90 13.16 12.79 -23.62
CA ALA A 90 14.25 12.80 -22.62
C ALA A 90 13.86 12.72 -21.15
N GLY A 91 12.57 12.88 -20.83
CA GLY A 91 12.16 12.81 -19.43
C GLY A 91 11.59 11.44 -19.11
N SER A 92 11.58 11.07 -17.83
CA SER A 92 10.97 9.81 -17.42
C SER A 92 9.52 10.05 -17.00
N HIS A 93 8.64 9.13 -17.39
CA HIS A 93 7.22 9.25 -17.11
C HIS A 93 6.65 7.97 -16.53
N THR A 94 5.50 8.11 -15.88
CA THR A 94 4.93 6.98 -15.14
C THR A 94 3.53 6.62 -15.59
N VAL A 95 3.28 5.34 -15.82
CA VAL A 95 1.89 4.89 -15.96
CA VAL A 95 1.91 4.84 -16.00
C VAL A 95 1.55 3.97 -14.79
N GLN A 96 0.36 4.18 -14.20
CA GLN A 96 -0.12 3.28 -13.15
C GLN A 96 -1.48 2.75 -13.51
N ARG A 97 -1.76 1.50 -13.18
CA ARG A 97 -3.07 0.91 -13.42
C ARG A 97 -3.45 0.13 -12.17
N MET A 98 -4.73 0.17 -11.78
CA MET A 98 -5.22 -0.76 -10.75
C MET A 98 -6.54 -1.34 -11.23
N TYR A 99 -6.73 -2.65 -11.07
CA TYR A 99 -8.03 -3.24 -11.31
C TYR A 99 -8.29 -4.38 -10.33
N GLY A 100 -9.55 -4.76 -10.22
CA GLY A 100 -9.91 -5.83 -9.30
C GLY A 100 -11.40 -5.96 -9.10
N CYS A 101 -11.80 -6.89 -8.23
CA CYS A 101 -13.21 -7.16 -8.06
C CYS A 101 -13.43 -7.44 -6.58
N ASP A 102 -14.66 -7.22 -6.13
CA ASP A 102 -15.02 -7.50 -4.73
C ASP A 102 -16.15 -8.56 -4.77
N VAL A 103 -16.16 -9.43 -3.78
CA VAL A 103 -17.37 -10.24 -3.49
C VAL A 103 -17.97 -9.78 -2.15
N GLY A 104 -19.29 -9.87 -2.03
CA GLY A 104 -19.93 -9.44 -0.77
C GLY A 104 -19.99 -10.57 0.24
N SER A 105 -20.74 -10.33 1.32
CA SER A 105 -20.89 -11.33 2.37
C SER A 105 -21.64 -12.55 1.84
N ASP A 106 -22.32 -12.37 0.71
CA ASP A 106 -23.05 -13.49 0.08
C ASP A 106 -22.15 -14.30 -0.85
N TRP A 107 -20.86 -13.94 -0.87
CA TRP A 107 -19.84 -14.57 -1.75
C TRP A 107 -20.13 -14.40 -3.26
N ARG A 108 -20.98 -13.42 -3.61
CA ARG A 108 -21.29 -13.14 -5.00
C ARG A 108 -20.59 -11.87 -5.42
N PHE A 109 -20.44 -11.67 -6.72
CA PHE A 109 -19.92 -10.39 -7.24
C PHE A 109 -20.59 -9.18 -6.59
N LEU A 110 -19.79 -8.21 -6.17
CA LEU A 110 -20.29 -7.00 -5.55
C LEU A 110 -19.95 -5.79 -6.43
N ARG A 111 -18.66 -5.67 -6.78
CA ARG A 111 -18.14 -4.47 -7.45
C ARG A 111 -16.95 -4.84 -8.31
N GLY A 112 -16.75 -4.05 -9.37
CA GLY A 112 -15.54 -4.14 -10.21
C GLY A 112 -14.96 -2.76 -10.46
N TYR A 113 -13.66 -2.71 -10.75
CA TYR A 113 -13.02 -1.42 -11.03
C TYR A 113 -11.77 -1.61 -11.87
N HIS A 114 -11.42 -0.55 -12.59
CA HIS A 114 -10.27 -0.53 -13.47
C HIS A 114 -9.93 0.94 -13.64
N GLN A 115 -8.85 1.39 -13.00
CA GLN A 115 -8.43 2.78 -13.04
CA GLN A 115 -8.42 2.79 -13.01
C GLN A 115 -7.02 2.91 -13.62
N TYR A 116 -6.76 4.02 -14.32
CA TYR A 116 -5.51 4.25 -15.02
CA TYR A 116 -5.49 4.26 -15.01
C TYR A 116 -5.01 5.68 -14.74
N ALA A 117 -3.72 5.83 -14.45
CA ALA A 117 -3.13 7.15 -14.20
C ALA A 117 -1.90 7.39 -15.07
N TYR A 118 -1.70 8.66 -15.45
CA TYR A 118 -0.45 9.04 -16.11
C TYR A 118 0.22 10.17 -15.36
N ASP A 119 1.48 9.99 -15.03
CA ASP A 119 2.24 10.98 -14.24
C ASP A 119 1.53 11.41 -12.94
N GLY A 120 0.89 10.43 -12.29
CA GLY A 120 0.33 10.64 -10.97
C GLY A 120 -1.03 11.28 -10.98
N LYS A 121 -1.66 11.36 -12.15
CA LYS A 121 -2.99 11.98 -12.26
C LYS A 121 -3.95 11.02 -12.94
N ASP A 122 -5.20 11.02 -12.50
CA ASP A 122 -6.26 10.26 -13.18
C ASP A 122 -6.17 10.47 -14.70
N TYR A 123 -6.33 9.38 -15.44
CA TYR A 123 -6.34 9.44 -16.89
C TYR A 123 -7.71 8.92 -17.37
N ILE A 124 -7.95 7.63 -17.14
CA ILE A 124 -9.24 7.04 -17.53
C ILE A 124 -9.64 5.97 -16.52
N ALA A 125 -10.94 5.86 -16.26
CA ALA A 125 -11.42 4.81 -15.37
C ALA A 125 -12.74 4.21 -15.88
N LEU A 126 -12.92 2.92 -15.61
CA LEU A 126 -14.19 2.24 -15.86
C LEU A 126 -15.20 2.70 -14.80
N LYS A 127 -16.42 3.07 -15.21
CA LYS A 127 -17.45 3.51 -14.28
CA LYS A 127 -17.45 3.51 -14.28
C LYS A 127 -18.02 2.32 -13.50
N GLU A 128 -18.68 2.60 -12.38
CA GLU A 128 -19.23 1.53 -11.52
C GLU A 128 -20.12 0.53 -12.26
N ASP A 129 -20.89 0.98 -13.25
CA ASP A 129 -21.72 0.04 -14.04
C ASP A 129 -20.94 -0.91 -14.96
N LEU A 130 -19.62 -0.74 -15.03
CA LEU A 130 -18.76 -1.59 -15.85
C LEU A 130 -19.14 -1.53 -17.34
N ARG A 131 -19.77 -0.43 -17.75
CA ARG A 131 -20.18 -0.31 -19.15
C ARG A 131 -19.63 0.92 -19.86
N SER A 132 -19.09 1.87 -19.12
CA SER A 132 -18.63 3.10 -19.75
C SER A 132 -17.44 3.66 -19.00
N TRP A 133 -16.89 4.74 -19.54
CA TRP A 133 -15.62 5.27 -19.05
C TRP A 133 -15.66 6.71 -18.60
N THR A 134 -14.81 7.05 -17.65
CA THR A 134 -14.60 8.43 -17.26
C THR A 134 -13.22 8.87 -17.74
N ALA A 135 -13.18 9.82 -18.68
CA ALA A 135 -11.92 10.42 -19.14
C ALA A 135 -11.66 11.71 -18.40
N ALA A 136 -10.48 11.86 -17.79
CA ALA A 136 -10.21 13.06 -17.01
C ALA A 136 -9.87 14.31 -17.87
N ASP A 137 -9.33 14.11 -19.07
CA ASP A 137 -8.94 15.23 -19.94
C ASP A 137 -9.16 14.87 -21.41
N MET A 138 -8.79 15.79 -22.30
CA MET A 138 -9.04 15.58 -23.73
C MET A 138 -8.18 14.45 -24.31
N ALA A 139 -6.95 14.30 -23.84
CA ALA A 139 -6.15 13.14 -24.28
C ALA A 139 -6.91 11.83 -24.00
N ALA A 140 -7.40 11.68 -22.78
CA ALA A 140 -8.17 10.48 -22.40
C ALA A 140 -9.45 10.29 -23.23
N GLN A 141 -10.02 11.36 -23.79
CA GLN A 141 -11.16 11.17 -24.70
C GLN A 141 -10.80 10.30 -25.90
N THR A 142 -9.58 10.46 -26.39
CA THR A 142 -9.06 9.61 -27.47
C THR A 142 -9.09 8.14 -27.05
N THR A 143 -8.53 7.84 -25.89
CA THR A 143 -8.53 6.47 -25.37
C THR A 143 -9.96 5.95 -25.17
N LYS A 144 -10.82 6.78 -24.57
CA LYS A 144 -12.21 6.38 -24.35
C LYS A 144 -12.89 5.98 -25.66
N HIS A 145 -12.66 6.74 -26.72
CA HIS A 145 -13.29 6.43 -28.01
C HIS A 145 -12.74 5.14 -28.57
N LYS A 146 -11.42 4.98 -28.49
CA LYS A 146 -10.76 3.79 -29.02
CA LYS A 146 -10.74 3.79 -29.00
C LYS A 146 -11.27 2.55 -28.28
N TRP A 147 -11.41 2.66 -26.97
CA TRP A 147 -11.85 1.54 -26.15
C TRP A 147 -13.33 1.24 -26.31
N GLU A 148 -14.16 2.27 -26.51
CA GLU A 148 -15.59 2.07 -26.79
C GLU A 148 -15.77 1.31 -28.11
N ALA A 149 -15.03 1.75 -29.12
CA ALA A 149 -15.10 1.13 -30.45
C ALA A 149 -14.68 -0.34 -30.43
N ALA A 150 -13.72 -0.69 -29.57
CA ALA A 150 -13.21 -2.05 -29.50
C ALA A 150 -13.87 -2.88 -28.39
N HIS A 151 -14.92 -2.31 -27.79
CA HIS A 151 -15.69 -2.97 -26.73
C HIS A 151 -14.84 -3.51 -25.58
N VAL A 152 -13.84 -2.72 -25.17
CA VAL A 152 -13.01 -3.09 -24.04
C VAL A 152 -13.81 -3.25 -22.76
N ALA A 153 -14.75 -2.35 -22.50
CA ALA A 153 -15.56 -2.45 -21.28
C ALA A 153 -16.27 -3.80 -21.16
N GLU A 154 -16.81 -4.31 -22.26
CA GLU A 154 -17.53 -5.60 -22.22
C GLU A 154 -16.60 -6.74 -21.86
N GLN A 155 -15.40 -6.72 -22.46
CA GLN A 155 -14.41 -7.73 -22.16
C GLN A 155 -14.06 -7.71 -20.66
N LEU A 156 -13.83 -6.51 -20.14
CA LEU A 156 -13.41 -6.35 -18.76
C LEU A 156 -14.56 -6.73 -17.83
N ARG A 157 -15.77 -6.36 -18.21
CA ARG A 157 -16.94 -6.71 -17.42
C ARG A 157 -17.10 -8.23 -17.28
N ALA A 158 -16.91 -8.95 -18.38
CA ALA A 158 -17.02 -10.41 -18.34
C ALA A 158 -15.98 -11.01 -17.38
N TYR A 159 -14.77 -10.43 -17.40
CA TYR A 159 -13.71 -10.88 -16.49
C TYR A 159 -14.07 -10.56 -15.04
N LEU A 160 -14.48 -9.33 -14.80
CA LEU A 160 -14.72 -8.84 -13.43
C LEU A 160 -15.87 -9.61 -12.74
N GLU A 161 -16.88 -9.98 -13.52
CA GLU A 161 -18.07 -10.63 -12.97
C GLU A 161 -17.94 -12.13 -13.04
N GLY A 162 -16.88 -12.58 -13.71
CA GLY A 162 -16.65 -14.00 -13.94
C GLY A 162 -15.36 -14.53 -13.33
N THR A 163 -14.35 -14.64 -14.16
CA THR A 163 -13.04 -15.16 -13.77
C THR A 163 -12.52 -14.50 -12.49
N CYS A 164 -12.60 -13.18 -12.42
CA CYS A 164 -12.04 -12.45 -11.28
C CYS A 164 -12.67 -12.93 -9.95
N VAL A 165 -13.99 -12.98 -9.88
CA VAL A 165 -14.71 -13.42 -8.69
CA VAL A 165 -14.62 -13.40 -8.64
C VAL A 165 -14.50 -14.91 -8.40
N GLU A 166 -14.44 -15.70 -9.47
CA GLU A 166 -14.27 -17.14 -9.30
C GLU A 166 -12.91 -17.41 -8.64
N TRP A 167 -11.88 -16.71 -9.09
CA TRP A 167 -10.56 -16.91 -8.54
C TRP A 167 -10.38 -16.30 -7.15
N LEU A 168 -11.02 -15.16 -6.89
CA LEU A 168 -11.02 -14.59 -5.56
C LEU A 168 -11.60 -15.62 -4.58
N ARG A 169 -12.72 -16.22 -4.96
CA ARG A 169 -13.37 -17.19 -4.07
C ARG A 169 -12.43 -18.38 -3.82
N ARG A 170 -11.72 -18.78 -4.86
CA ARG A 170 -10.79 -19.90 -4.78
C ARG A 170 -9.66 -19.56 -3.82
N TYR A 171 -9.07 -18.38 -3.99
CA TYR A 171 -8.02 -17.89 -3.08
C TYR A 171 -8.47 -17.80 -1.63
N LEU A 172 -9.67 -17.26 -1.40
CA LEU A 172 -10.17 -17.10 -0.06
C LEU A 172 -10.26 -18.46 0.64
N GLU A 173 -10.79 -19.43 -0.10
CA GLU A 173 -10.88 -20.79 0.45
C GLU A 173 -9.52 -21.42 0.73
N ASN A 174 -8.62 -21.37 -0.25
CA ASN A 174 -7.33 -21.98 -0.09
C ASN A 174 -6.58 -21.31 1.02
N GLY A 175 -6.75 -20.00 1.14
CA GLY A 175 -5.99 -19.25 2.13
C GLY A 175 -6.78 -18.93 3.38
N LYS A 176 -7.83 -19.71 3.66
CA LYS A 176 -8.78 -19.32 4.71
C LYS A 176 -8.13 -19.16 6.07
N GLU A 177 -7.10 -19.95 6.36
CA GLU A 177 -6.46 -19.91 7.67
C GLU A 177 -5.94 -18.53 8.03
N THR A 178 -5.55 -17.76 7.03
CA THR A 178 -5.04 -16.40 7.25
C THR A 178 -5.93 -15.32 6.63
N LEU A 179 -6.39 -15.49 5.39
CA LEU A 179 -7.20 -14.47 4.74
C LEU A 179 -8.51 -14.18 5.44
N GLN A 180 -9.09 -15.20 6.04
CA GLN A 180 -10.39 -15.04 6.66
C GLN A 180 -10.26 -15.06 8.17
N ARG A 181 -9.03 -14.93 8.67
CA ARG A 181 -8.80 -14.77 10.09
C ARG A 181 -8.69 -13.29 10.40
N THR A 182 -9.41 -12.81 11.41
CA THR A 182 -9.22 -11.44 11.80
C THR A 182 -8.28 -11.39 13.00
N ASP A 183 -7.35 -10.45 12.96
CA ASP A 183 -6.48 -10.21 14.09
C ASP A 183 -6.90 -8.90 14.76
N ALA A 184 -7.59 -9.01 15.90
CA ALA A 184 -7.92 -7.87 16.74
C ALA A 184 -6.66 -7.17 17.18
N PRO A 185 -6.72 -5.84 17.32
CA PRO A 185 -5.50 -5.19 17.78
C PRO A 185 -5.17 -5.52 19.21
N LYS A 186 -3.89 -5.64 19.51
CA LYS A 186 -3.41 -5.76 20.87
CA LYS A 186 -3.44 -5.76 20.87
C LYS A 186 -3.22 -4.32 21.30
N THR A 187 -3.98 -3.87 22.28
CA THR A 187 -3.95 -2.47 22.64
C THR A 187 -3.30 -2.25 24.01
N HIS A 188 -2.60 -1.12 24.14
CA HIS A 188 -2.06 -0.69 25.42
C HIS A 188 -1.84 0.81 25.40
N MET A 189 -1.65 1.38 26.58
CA MET A 189 -1.47 2.80 26.70
C MET A 189 -0.10 3.04 27.34
N THR A 190 0.64 4.01 26.83
CA THR A 190 1.84 4.46 27.52
C THR A 190 1.65 5.88 28.05
N HIS A 191 2.48 6.28 29.02
CA HIS A 191 2.31 7.55 29.73
C HIS A 191 3.70 8.21 29.81
N HIS A 192 3.81 9.45 29.36
CA HIS A 192 5.10 10.15 29.32
C HIS A 192 4.97 11.56 29.89
N ALA A 193 5.54 11.79 31.06
CA ALA A 193 5.56 13.13 31.63
C ALA A 193 6.38 14.06 30.72
N VAL A 194 5.79 15.18 30.32
CA VAL A 194 6.54 16.13 29.52
C VAL A 194 6.97 17.29 30.41
N SER A 195 6.47 17.28 31.64
CA SER A 195 6.78 18.28 32.64
C SER A 195 6.23 17.79 33.96
N ASP A 196 6.33 18.63 35.00
CA ASP A 196 5.77 18.29 36.29
C ASP A 196 4.26 18.48 36.30
N HIS A 197 3.70 19.07 35.26
CA HIS A 197 2.29 19.44 35.26
C HIS A 197 1.47 18.87 34.12
N GLU A 198 2.11 18.27 33.11
CA GLU A 198 1.35 17.58 32.07
C GLU A 198 2.05 16.33 31.55
N ALA A 199 1.29 15.48 30.85
CA ALA A 199 1.76 14.18 30.42
C ALA A 199 1.19 13.87 29.06
N THR A 200 1.89 13.01 28.32
CA THR A 200 1.35 12.50 27.04
C THR A 200 0.81 11.10 27.30
N LEU A 201 -0.42 10.85 26.87
CA LEU A 201 -0.99 9.51 26.90
C LEU A 201 -1.01 9.02 25.46
N ARG A 202 -0.44 7.86 25.20
CA ARG A 202 -0.39 7.30 23.85
C ARG A 202 -1.10 5.96 23.87
N CYS A 203 -2.12 5.84 23.03
CA CYS A 203 -2.94 4.63 22.94
C CYS A 203 -2.51 3.84 21.71
N TRP A 204 -2.05 2.61 21.89
CA TRP A 204 -1.42 1.83 20.83
C TRP A 204 -2.31 0.70 20.39
N ALA A 205 -2.40 0.49 19.06
CA ALA A 205 -3.04 -0.70 18.50
C ALA A 205 -1.97 -1.40 17.62
N LEU A 206 -1.68 -2.64 17.96
CA LEU A 206 -0.59 -3.40 17.31
C LEU A 206 -1.09 -4.74 16.78
N SER A 207 -0.41 -5.25 15.76
CA SER A 207 -0.61 -6.62 15.25
CA SER A 207 -0.60 -6.61 15.25
C SER A 207 -2.03 -6.87 14.79
N PHE A 208 -2.67 -5.87 14.18
CA PHE A 208 -4.03 -6.08 13.73
C PHE A 208 -4.11 -6.34 12.21
N TYR A 209 -5.19 -7.01 11.81
CA TYR A 209 -5.45 -7.30 10.41
C TYR A 209 -6.96 -7.54 10.29
N PRO A 210 -7.61 -6.93 9.30
CA PRO A 210 -7.08 -6.07 8.23
C PRO A 210 -6.69 -4.66 8.70
N ALA A 211 -6.24 -3.81 7.78
CA ALA A 211 -5.66 -2.48 8.11
C ALA A 211 -6.68 -1.45 8.62
N GLU A 212 -7.92 -1.57 8.20
CA GLU A 212 -8.96 -0.63 8.64
C GLU A 212 -9.17 -0.60 10.15
N ILE A 213 -9.15 0.60 10.73
CA ILE A 213 -9.26 0.73 12.17
C ILE A 213 -9.63 2.18 12.49
N THR A 214 -10.29 2.39 13.62
CA THR A 214 -10.49 3.73 14.13
C THR A 214 -10.03 3.80 15.58
N LEU A 215 -9.13 4.75 15.86
CA LEU A 215 -8.71 5.09 17.22
C LEU A 215 -9.06 6.54 17.51
N THR A 216 -9.69 6.79 18.65
CA THR A 216 -10.12 8.15 18.96
C THR A 216 -10.03 8.36 20.48
N TRP A 217 -9.80 9.60 20.89
CA TRP A 217 -9.77 9.95 22.32
C TRP A 217 -11.10 10.61 22.67
N GLN A 218 -11.57 10.32 23.87
CA GLN A 218 -12.65 11.09 24.47
C GLN A 218 -12.16 11.65 25.80
N ARG A 219 -12.70 12.82 26.16
CA ARG A 219 -12.49 13.37 27.49
CA ARG A 219 -12.49 13.37 27.50
C ARG A 219 -13.87 13.53 28.11
N ASP A 220 -14.07 12.87 29.26
CA ASP A 220 -15.37 12.88 29.91
C ASP A 220 -16.49 12.50 28.93
N GLY A 221 -16.21 11.51 28.08
CA GLY A 221 -17.21 10.92 27.20
C GLY A 221 -17.54 11.71 25.94
N GLU A 222 -16.72 12.71 25.62
CA GLU A 222 -16.91 13.46 24.38
C GLU A 222 -15.64 13.43 23.51
N ASP A 223 -15.84 13.30 22.20
CA ASP A 223 -14.71 13.19 21.28
C ASP A 223 -13.77 14.35 21.45
N GLN A 224 -12.48 14.04 21.48
CA GLN A 224 -11.49 15.07 21.65
C GLN A 224 -10.46 14.99 20.54
N THR A 225 -10.38 16.04 19.75
CA THR A 225 -9.36 16.09 18.68
C THR A 225 -8.27 17.12 18.95
N GLN A 226 -8.61 18.19 19.66
CA GLN A 226 -7.58 19.16 20.03
C GLN A 226 -6.52 18.52 20.91
N ASP A 227 -5.27 18.92 20.69
CA ASP A 227 -4.15 18.45 21.48
C ASP A 227 -3.91 16.95 21.33
N THR A 228 -4.37 16.37 20.21
CA THR A 228 -4.04 14.97 19.90
C THR A 228 -3.15 14.87 18.68
N GLU A 229 -2.46 13.74 18.56
CA GLU A 229 -1.73 13.41 17.35
C GLU A 229 -2.09 11.98 16.96
N LEU A 230 -2.33 11.75 15.67
CA LEU A 230 -2.74 10.41 15.16
C LEU A 230 -1.85 10.05 13.98
N VAL A 231 -1.04 8.97 14.09
CA VAL A 231 -0.17 8.59 12.96
C VAL A 231 -0.93 7.76 11.93
N GLU A 232 -0.45 7.78 10.70
CA GLU A 232 -1.05 6.99 9.63
CA GLU A 232 -1.13 7.00 9.68
C GLU A 232 -0.84 5.50 9.92
N THR A 233 -1.83 4.67 9.59
CA THR A 233 -1.67 3.24 9.80
C THR A 233 -0.47 2.76 9.00
N ARG A 234 0.31 1.86 9.59
CA ARG A 234 1.60 1.48 9.02
C ARG A 234 1.82 -0.03 9.13
N PRO A 235 2.46 -0.63 8.12
CA PRO A 235 2.74 -2.08 8.14
C PRO A 235 3.81 -2.48 9.18
N ALA A 236 3.59 -3.58 9.91
CA ALA A 236 4.58 -4.02 10.90
C ALA A 236 5.68 -4.79 10.20
N GLY A 237 5.37 -5.29 9.00
CA GLY A 237 6.32 -6.08 8.23
C GLY A 237 6.10 -7.59 8.27
N ASP A 238 5.21 -8.05 9.15
CA ASP A 238 4.87 -9.47 9.27
C ASP A 238 3.44 -9.71 8.80
N GLY A 239 2.91 -8.76 8.02
CA GLY A 239 1.55 -8.90 7.46
C GLY A 239 0.49 -8.18 8.26
N THR A 240 0.85 -7.72 9.47
CA THR A 240 -0.09 -7.00 10.33
C THR A 240 0.21 -5.50 10.28
N PHE A 241 -0.62 -4.72 10.98
CA PHE A 241 -0.56 -3.28 10.93
C PHE A 241 -0.53 -2.70 12.33
N GLN A 242 -0.15 -1.43 12.41
CA GLN A 242 0.00 -0.68 13.68
C GLN A 242 -0.58 0.71 13.53
N LYS A 243 -1.01 1.28 14.66
CA LYS A 243 -1.42 2.67 14.70
C LYS A 243 -1.33 3.17 16.15
N TRP A 244 -1.13 4.46 16.35
CA TRP A 244 -1.29 5.05 17.69
C TRP A 244 -1.94 6.43 17.62
N VAL A 245 -2.63 6.79 18.69
CA VAL A 245 -3.13 8.15 18.84
C VAL A 245 -2.69 8.68 20.22
N ALA A 246 -2.20 9.92 20.28
CA ALA A 246 -1.76 10.49 21.55
C ALA A 246 -2.51 11.77 21.92
N VAL A 247 -2.58 12.07 23.21
CA VAL A 247 -3.19 13.31 23.69
C VAL A 247 -2.32 13.84 24.83
N VAL A 248 -2.23 15.16 24.97
CA VAL A 248 -1.47 15.76 26.08
C VAL A 248 -2.51 16.21 27.09
N VAL A 249 -2.26 15.89 28.35
CA VAL A 249 -3.24 16.14 29.39
C VAL A 249 -2.60 16.69 30.65
N PRO A 250 -3.38 17.40 31.48
CA PRO A 250 -2.78 17.85 32.76
C PRO A 250 -2.54 16.68 33.70
N SER A 251 -1.39 16.72 34.37
CA SER A 251 -1.00 15.66 35.30
C SER A 251 -2.05 15.48 36.36
N GLY A 252 -2.46 14.24 36.59
CA GLY A 252 -3.50 13.98 37.58
C GLY A 252 -4.90 13.90 37.00
N GLN A 253 -5.05 14.28 35.74
CA GLN A 253 -6.38 14.25 35.11
C GLN A 253 -6.55 13.11 34.08
N GLU A 254 -5.59 12.18 34.09
CA GLU A 254 -5.56 11.09 33.10
C GLU A 254 -6.87 10.29 33.05
N GLN A 255 -7.50 10.13 34.20
CA GLN A 255 -8.70 9.32 34.31
C GLN A 255 -9.89 9.85 33.51
N ARG A 256 -9.83 11.12 33.10
CA ARG A 256 -10.94 11.71 32.33
C ARG A 256 -10.98 11.22 30.89
N TYR A 257 -9.83 10.74 30.42
CA TYR A 257 -9.60 10.44 29.02
C TYR A 257 -9.79 8.95 28.76
N THR A 258 -10.48 8.64 27.66
CA THR A 258 -10.60 7.25 27.22
C THR A 258 -10.20 7.10 25.76
N CYS A 259 -9.49 6.01 25.47
CA CYS A 259 -9.15 5.65 24.11
C CYS A 259 -10.20 4.64 23.59
N HIS A 260 -10.76 4.93 22.41
CA HIS A 260 -11.76 4.06 21.83
CA HIS A 260 -11.79 4.10 21.79
C HIS A 260 -11.24 3.42 20.54
N VAL A 261 -11.36 2.10 20.47
CA VAL A 261 -10.81 1.33 19.37
C VAL A 261 -11.88 0.53 18.65
N GLN A 262 -12.00 0.76 17.35
CA GLN A 262 -12.98 0.06 16.52
C GLN A 262 -12.24 -0.74 15.44
N HIS A 263 -12.54 -2.04 15.37
CA HIS A 263 -11.90 -2.96 14.42
C HIS A 263 -12.80 -4.20 14.23
N GLU A 264 -12.83 -4.73 13.01
CA GLU A 264 -13.72 -5.85 12.71
C GLU A 264 -13.32 -7.10 13.45
N GLY A 265 -12.09 -7.14 13.94
CA GLY A 265 -11.63 -8.23 14.78
C GLY A 265 -12.19 -8.24 16.19
N LEU A 266 -12.88 -7.16 16.55
CA LEU A 266 -13.43 -6.97 17.91
C LEU A 266 -14.94 -7.19 17.92
N PRO A 267 -15.44 -8.00 18.86
CA PRO A 267 -16.89 -8.21 18.98
C PRO A 267 -17.64 -6.87 19.11
N LYS A 268 -17.18 -6.02 20.01
CA LYS A 268 -17.65 -4.64 20.11
C LYS A 268 -16.45 -3.71 20.34
N PRO A 269 -16.63 -2.42 20.07
CA PRO A 269 -15.53 -1.48 20.31
C PRO A 269 -14.95 -1.61 21.73
N LEU A 270 -13.66 -1.33 21.86
CA LEU A 270 -12.99 -1.31 23.15
C LEU A 270 -12.84 0.12 23.67
N THR A 271 -12.89 0.25 24.98
CA THR A 271 -12.68 1.52 25.63
C THR A 271 -11.56 1.33 26.65
N LEU A 272 -10.46 2.04 26.46
CA LEU A 272 -9.34 1.97 27.39
C LEU A 272 -9.31 3.21 28.28
N ARG A 273 -9.03 3.01 29.56
CA ARG A 273 -8.77 4.12 30.48
C ARG A 273 -7.49 3.82 31.25
N TRP A 274 -6.63 4.82 31.35
CA TRP A 274 -5.38 4.72 32.09
C TRP A 274 -5.67 4.54 33.58
N MET B 1 2.85 16.37 -14.53
CA MET B 1 4.07 16.01 -13.74
C MET B 1 3.88 16.45 -12.28
N ILE B 2 3.11 15.67 -11.54
CA ILE B 2 2.92 15.99 -10.13
C ILE B 2 4.11 15.45 -9.35
N GLN B 3 4.56 16.23 -8.37
CA GLN B 3 5.61 15.82 -7.47
C GLN B 3 5.03 15.89 -6.06
N ARG B 4 5.18 14.82 -5.30
CA ARG B 4 4.71 14.76 -3.91
C ARG B 4 5.84 14.28 -3.02
N THR B 5 6.03 14.98 -1.90
CA THR B 5 7.14 14.68 -1.00
CA THR B 5 7.13 14.70 -0.97
C THR B 5 6.80 13.48 -0.09
N PRO B 6 7.78 12.60 0.15
CA PRO B 6 7.46 11.43 0.99
C PRO B 6 7.16 11.75 2.46
N LYS B 7 6.21 11.01 3.02
CA LYS B 7 5.95 10.96 4.44
C LYS B 7 6.83 9.85 4.96
N ILE B 8 7.39 10.02 6.16
CA ILE B 8 8.32 9.03 6.73
C ILE B 8 7.84 8.65 8.12
N GLN B 9 7.76 7.35 8.40
CA GLN B 9 7.71 6.89 9.78
C GLN B 9 8.82 5.87 10.01
N VAL B 10 9.52 6.00 11.14
CA VAL B 10 10.56 5.06 11.55
CA VAL B 10 10.52 5.01 11.51
C VAL B 10 10.14 4.44 12.87
N TYR B 11 10.17 3.11 12.98
CA TYR B 11 9.56 2.43 14.13
C TYR B 11 9.94 0.96 14.15
N SER B 12 9.69 0.27 15.26
CA SER B 12 10.09 -1.13 15.35
C SER B 12 8.86 -2.03 15.13
N ARG B 13 9.10 -3.25 14.70
CA ARG B 13 8.01 -4.21 14.45
C ARG B 13 7.29 -4.58 15.74
N HIS B 14 8.06 -4.71 16.83
CA HIS B 14 7.53 -5.15 18.12
C HIS B 14 7.96 -4.12 19.15
N PRO B 15 7.25 -4.05 20.30
CA PRO B 15 7.71 -3.09 21.30
C PRO B 15 9.19 -3.33 21.61
N ALA B 16 9.95 -2.24 21.69
CA ALA B 16 11.40 -2.34 21.79
C ALA B 16 11.84 -2.57 23.22
N GLU B 17 12.78 -3.48 23.39
CA GLU B 17 13.37 -3.78 24.68
C GLU B 17 14.87 -3.88 24.49
N ASN B 18 15.63 -3.17 25.31
CA ASN B 18 17.07 -3.18 25.17
C ASN B 18 17.62 -4.59 25.22
N GLY B 19 18.48 -4.92 24.26
CA GLY B 19 19.09 -6.23 24.22
C GLY B 19 18.29 -7.34 23.56
N LYS B 20 17.10 -7.03 23.07
CA LYS B 20 16.24 -8.08 22.51
C LYS B 20 15.98 -7.88 21.00
N SER B 21 16.31 -8.88 20.19
CA SER B 21 16.23 -8.76 18.73
CA SER B 21 16.23 -8.79 18.73
C SER B 21 14.86 -8.29 18.25
N ASN B 22 14.85 -7.50 17.19
CA ASN B 22 13.61 -6.85 16.73
C ASN B 22 13.75 -6.57 15.21
N PHE B 23 12.85 -5.76 14.66
CA PHE B 23 13.01 -5.32 13.26
C PHE B 23 12.79 -3.83 13.18
N LEU B 24 13.71 -3.12 12.53
CA LEU B 24 13.60 -1.67 12.38
C LEU B 24 12.95 -1.41 11.02
N ASN B 25 11.91 -0.56 11.01
CA ASN B 25 11.13 -0.27 9.81
C ASN B 25 11.24 1.20 9.45
N CYS B 26 11.36 1.48 8.15
CA CYS B 26 11.16 2.82 7.67
C CYS B 26 10.08 2.78 6.60
N TYR B 27 8.94 3.38 6.89
CA TYR B 27 7.79 3.36 5.99
C TYR B 27 7.69 4.70 5.28
N VAL B 28 7.86 4.68 3.96
CA VAL B 28 7.75 5.89 3.17
CA VAL B 28 7.78 5.88 3.14
C VAL B 28 6.51 5.84 2.29
N SER B 29 5.75 6.93 2.29
CA SER B 29 4.49 6.90 1.57
C SER B 29 4.12 8.29 1.08
N GLY B 30 3.08 8.34 0.27
CA GLY B 30 2.55 9.60 -0.24
C GLY B 30 3.44 10.31 -1.26
N PHE B 31 4.38 9.59 -1.87
CA PHE B 31 5.36 10.25 -2.77
C PHE B 31 5.11 9.96 -4.25
N HIS B 32 5.64 10.84 -5.11
CA HIS B 32 5.55 10.68 -6.56
C HIS B 32 6.60 11.67 -7.11
N PRO B 33 7.41 11.26 -8.10
CA PRO B 33 7.42 9.95 -8.74
C PRO B 33 8.01 8.87 -7.84
N SER B 34 8.15 7.66 -8.40
CA SER B 34 8.50 6.48 -7.60
C SER B 34 10.00 6.36 -7.28
N ASP B 35 10.84 7.05 -8.03
CA ASP B 35 12.28 6.96 -7.79
C ASP B 35 12.57 7.55 -6.42
N ILE B 36 13.17 6.73 -5.55
CA ILE B 36 13.45 7.14 -4.17
C ILE B 36 14.67 6.40 -3.60
N GLU B 37 15.42 7.05 -2.71
CA GLU B 37 16.56 6.41 -2.05
C GLU B 37 16.18 6.29 -0.59
N VAL B 38 16.24 5.08 -0.04
CA VAL B 38 15.95 4.93 1.40
C VAL B 38 17.06 4.11 2.07
N ASP B 39 17.63 4.64 3.14
CA ASP B 39 18.62 3.90 3.92
C ASP B 39 18.26 3.89 5.40
N LEU B 40 18.61 2.81 6.08
CA LEU B 40 18.54 2.72 7.52
C LEU B 40 19.94 2.94 8.08
N LEU B 41 20.04 3.78 9.12
CA LEU B 41 21.32 4.12 9.71
C LEU B 41 21.44 3.63 11.14
N LYS B 42 22.63 3.13 11.47
CA LYS B 42 22.98 2.85 12.85
C LYS B 42 24.13 3.78 13.25
N ASN B 43 23.89 4.66 14.22
CA ASN B 43 24.89 5.62 14.66
C ASN B 43 25.39 6.47 13.51
N GLY B 44 24.46 6.93 12.67
CA GLY B 44 24.78 7.77 11.52
C GLY B 44 25.47 7.05 10.36
N GLU B 45 25.42 5.73 10.35
CA GLU B 45 26.10 4.91 9.34
C GLU B 45 25.13 3.97 8.66
N ARG B 46 25.19 3.92 7.33
CA ARG B 46 24.31 3.07 6.52
C ARG B 46 24.38 1.60 6.90
N ILE B 47 23.23 1.00 7.18
CA ILE B 47 23.12 -0.43 7.40
C ILE B 47 23.01 -1.14 6.05
N GLU B 48 23.72 -2.25 5.92
CA GLU B 48 23.89 -2.91 4.63
C GLU B 48 22.79 -3.92 4.25
N LYS B 49 22.32 -4.68 5.21
CA LYS B 49 21.44 -5.80 4.88
C LYS B 49 19.96 -5.41 4.94
N VAL B 50 19.59 -4.34 4.23
CA VAL B 50 18.23 -3.78 4.30
C VAL B 50 17.37 -4.25 3.13
N GLU B 51 16.22 -4.84 3.45
CA GLU B 51 15.29 -5.25 2.41
C GLU B 51 14.12 -4.26 2.31
N HIS B 52 13.34 -4.38 1.22
CA HIS B 52 12.16 -3.54 1.07
C HIS B 52 11.00 -4.28 0.41
N SER B 53 9.80 -3.75 0.61
CA SER B 53 8.61 -4.35 0.01
C SER B 53 8.54 -4.03 -1.50
N ASP B 54 7.58 -4.64 -2.18
CA ASP B 54 7.36 -4.34 -3.60
C ASP B 54 6.52 -3.06 -3.76
N LEU B 55 6.96 -2.22 -4.69
CA LEU B 55 6.31 -0.93 -4.92
C LEU B 55 4.82 -1.05 -5.17
N SER B 56 4.02 -0.32 -4.39
CA SER B 56 2.56 -0.27 -4.59
C SER B 56 2.08 1.16 -4.37
N PHE B 57 0.78 1.39 -4.49
CA PHE B 57 0.28 2.75 -4.38
C PHE B 57 -1.12 2.84 -3.80
N SER B 58 -1.46 4.04 -3.30
CA SER B 58 -2.76 4.29 -2.68
C SER B 58 -3.72 4.84 -3.72
N LYS B 59 -4.94 5.12 -3.25
CA LYS B 59 -6.04 5.59 -4.12
C LYS B 59 -5.78 6.95 -4.80
N ASP B 60 -4.95 7.79 -4.18
CA ASP B 60 -4.56 9.01 -4.87
C ASP B 60 -3.33 8.82 -5.77
N TRP B 61 -2.95 7.57 -6.04
CA TRP B 61 -1.82 7.19 -6.89
C TRP B 61 -0.43 7.44 -6.25
N SER B 62 -0.40 7.92 -5.01
CA SER B 62 0.87 8.12 -4.31
CA SER B 62 0.89 8.11 -4.37
C SER B 62 1.49 6.77 -3.95
N PHE B 63 2.81 6.68 -4.05
CA PHE B 63 3.53 5.41 -3.82
C PHE B 63 3.81 5.13 -2.34
N TYR B 64 3.98 3.86 -1.98
CA TYR B 64 4.53 3.54 -0.64
C TYR B 64 5.46 2.33 -0.68
N LEU B 65 6.43 2.33 0.25
CA LEU B 65 7.42 1.25 0.40
C LEU B 65 7.72 1.07 1.87
N LEU B 66 8.00 -0.16 2.28
CA LEU B 66 8.50 -0.43 3.61
C LEU B 66 9.94 -0.94 3.45
N TYR B 67 10.90 -0.25 4.09
CA TYR B 67 12.28 -0.73 4.22
C TYR B 67 12.50 -1.30 5.62
N TYR B 68 13.25 -2.41 5.74
CA TYR B 68 13.37 -3.04 7.04
C TYR B 68 14.62 -3.89 7.20
N THR B 69 15.03 -4.05 8.45
CA THR B 69 16.18 -4.86 8.77
C THR B 69 16.06 -5.38 10.19
N GLU B 70 16.70 -6.50 10.49
CA GLU B 70 16.70 -6.99 11.87
C GLU B 70 17.67 -6.09 12.65
N PHE B 71 17.37 -5.81 13.91
CA PHE B 71 18.25 -5.01 14.75
C PHE B 71 18.02 -5.34 16.22
N THR B 72 18.94 -4.90 17.08
CA THR B 72 18.76 -5.01 18.51
C THR B 72 18.88 -3.66 19.16
N PRO B 73 17.78 -3.12 19.69
CA PRO B 73 17.84 -1.85 20.40
C PRO B 73 18.81 -1.94 21.58
N THR B 74 19.60 -0.89 21.80
CA THR B 74 20.44 -0.81 23.00
C THR B 74 20.38 0.59 23.60
N GLU B 75 20.94 0.75 24.80
CA GLU B 75 21.01 2.03 25.48
C GLU B 75 21.81 3.04 24.65
N LYS B 76 22.94 2.60 24.13
CA LYS B 76 23.91 3.52 23.57
C LYS B 76 23.71 3.78 22.06
N ASP B 77 23.21 2.78 21.35
CA ASP B 77 23.06 2.86 19.88
C ASP B 77 21.86 3.67 19.40
N GLU B 78 22.07 4.45 18.34
CA GLU B 78 21.02 5.30 17.78
C GLU B 78 20.65 4.86 16.38
N TYR B 79 19.37 4.93 16.04
CA TYR B 79 18.96 4.49 14.71
C TYR B 79 18.19 5.60 13.99
N ALA B 80 18.21 5.59 12.67
CA ALA B 80 17.50 6.62 11.89
C ALA B 80 17.14 6.11 10.49
N CYS B 81 16.28 6.85 9.82
CA CYS B 81 15.96 6.56 8.43
C CYS B 81 16.27 7.77 7.57
N ARG B 82 17.04 7.54 6.50
CA ARG B 82 17.50 8.58 5.57
C ARG B 82 16.84 8.46 4.19
N VAL B 83 16.16 9.52 3.76
CA VAL B 83 15.37 9.46 2.54
C VAL B 83 15.76 10.60 1.59
N ASN B 84 16.07 10.24 0.36
CA ASN B 84 16.23 11.25 -0.67
C ASN B 84 15.24 11.04 -1.84
N HIS B 85 14.78 12.15 -2.40
CA HIS B 85 13.73 12.14 -3.41
C HIS B 85 13.81 13.46 -4.18
N VAL B 86 13.41 13.43 -5.43
CA VAL B 86 13.54 14.61 -6.29
C VAL B 86 12.94 15.85 -5.62
N THR B 87 11.95 15.67 -4.75
CA THR B 87 11.28 16.77 -4.07
C THR B 87 12.05 17.35 -2.88
N LEU B 88 13.09 16.67 -2.45
CA LEU B 88 13.88 17.10 -1.30
C LEU B 88 15.24 17.65 -1.74
N SER B 89 15.60 18.83 -1.25
CA SER B 89 16.90 19.48 -1.55
C SER B 89 18.11 18.65 -1.16
N GLN B 90 18.00 18.02 0.02
CA GLN B 90 18.99 17.04 0.47
C GLN B 90 18.25 15.99 1.27
N PRO B 91 18.92 14.88 1.59
CA PRO B 91 18.22 13.80 2.27
C PRO B 91 17.57 14.25 3.57
N LYS B 92 16.35 13.77 3.81
CA LYS B 92 15.72 13.95 5.10
C LYS B 92 16.05 12.75 5.99
N ILE B 93 16.31 13.03 7.26
CA ILE B 93 16.73 11.98 8.18
C ILE B 93 15.86 12.10 9.41
N VAL B 94 15.26 10.98 9.81
CA VAL B 94 14.37 10.95 10.96
C VAL B 94 14.91 9.95 11.97
N LYS B 95 15.11 10.41 13.20
CA LYS B 95 15.70 9.56 14.22
C LYS B 95 14.65 8.60 14.76
N TRP B 96 15.03 7.36 15.02
CA TRP B 96 14.12 6.42 15.65
C TRP B 96 13.89 6.75 17.13
N ASP B 97 12.62 6.87 17.50
CA ASP B 97 12.18 7.06 18.87
C ASP B 97 11.30 5.87 19.25
N ARG B 98 11.76 5.06 20.21
CA ARG B 98 11.06 3.82 20.56
C ARG B 98 9.61 3.99 21.03
N ASP B 99 9.24 5.20 21.41
CA ASP B 99 7.88 5.43 21.88
C ASP B 99 6.96 5.95 20.78
N MET B 100 7.42 5.93 19.54
CA MET B 100 6.60 6.44 18.44
C MET B 100 6.54 5.49 17.25
N ASN C 1 -5.91 -14.09 -10.36
CA ASN C 1 -5.81 -14.50 -11.80
C ASN C 1 -5.96 -13.25 -12.67
N LEU C 2 -4.89 -12.88 -13.37
CA LEU C 2 -4.86 -11.63 -14.16
C LEU C 2 -5.81 -11.70 -15.34
N VAL C 3 -6.28 -10.55 -15.80
CA VAL C 3 -7.03 -10.54 -17.05
C VAL C 3 -6.01 -10.32 -18.15
N PRO C 4 -6.23 -10.90 -19.31
CA PRO C 4 -5.40 -10.47 -20.46
C PRO C 4 -5.57 -8.96 -20.74
N MET C 5 -4.45 -8.23 -20.84
CA MET C 5 -4.53 -6.76 -21.00
C MET C 5 -3.84 -6.29 -22.27
N CYS C 6 -4.56 -6.41 -23.39
CA CYS C 6 -4.07 -6.13 -24.73
CA CYS C 6 -3.99 -6.09 -24.69
C CYS C 6 -4.40 -4.72 -25.22
N ALA C 7 -5.44 -4.12 -24.62
CA ALA C 7 -5.88 -2.79 -25.07
C ALA C 7 -4.90 -1.69 -24.65
N THR C 8 -4.37 -0.97 -25.64
CA THR C 8 -3.40 0.10 -25.40
C THR C 8 -4.17 1.40 -25.40
N VAL C 9 -3.64 2.43 -24.75
CA VAL C 9 -4.34 3.72 -24.70
C VAL C 9 -4.28 4.48 -26.03
#